data_7DVS
#
_entry.id   7DVS
#
_cell.length_a   122.980
_cell.length_b   46.020
_cell.length_c   135.220
_cell.angle_alpha   90.000
_cell.angle_beta   92.810
_cell.angle_gamma   90.000
#
_symmetry.space_group_name_H-M   'C 1 2 1'
#
_entity_poly.entity_id   1
_entity_poly.type   'polypeptide(L)'
_entity_poly.pdbx_seq_one_letter_code
;HHHHHHSSGLVPRGSHMENPLQKARILVNQLEKYLDRYAKEYDVEHLAGPQGHLVMHLYKHPDKDMSIKDAEEILHISKS
VASNLVKRMEKNGFIAIVPSKTDKRVKYLYLTHLGKQKATQFEIFLEKLHSTMLAGITKEEIRTTKKVIRTLAKNMAMED
FD
;
_entity_poly.pdbx_strand_id   A,B,C,D
#
# COMPACT_ATOMS: atom_id res chain seq x y z
N ASN A 19 32.96 -8.69 0.43
CA ASN A 19 32.84 -8.90 -1.00
C ASN A 19 31.56 -8.23 -1.51
N PRO A 20 31.72 -7.28 -2.45
CA PRO A 20 30.54 -6.55 -2.95
C PRO A 20 29.49 -7.48 -3.54
N LEU A 21 29.90 -8.55 -4.23
CA LEU A 21 28.93 -9.48 -4.77
C LEU A 21 28.21 -10.26 -3.68
N GLN A 22 28.94 -10.68 -2.64
CA GLN A 22 28.28 -11.32 -1.51
C GLN A 22 27.29 -10.36 -0.86
N LYS A 23 27.63 -9.08 -0.84
CA LYS A 23 26.77 -8.10 -0.20
C LYS A 23 25.51 -7.86 -1.00
N ALA A 24 25.65 -7.74 -2.33
CA ALA A 24 24.49 -7.55 -3.20
C ALA A 24 23.53 -8.72 -3.12
N ARG A 25 24.06 -9.95 -3.13
CA ARG A 25 23.22 -11.12 -2.96
C ARG A 25 22.43 -11.08 -1.66
N ILE A 26 23.07 -10.66 -0.56
CA ILE A 26 22.37 -10.54 0.71
C ILE A 26 21.27 -9.47 0.64
N LEU A 27 21.55 -8.35 -0.03
CA LEU A 27 20.55 -7.29 -0.12
C LEU A 27 19.31 -7.76 -0.89
N VAL A 28 19.53 -8.31 -2.09
CA VAL A 28 18.44 -8.84 -2.90
C VAL A 28 17.63 -9.84 -2.09
N ASN A 29 18.31 -10.68 -1.31
CA ASN A 29 17.61 -11.63 -0.47
C ASN A 29 16.78 -10.90 0.60
N GLN A 30 17.33 -9.83 1.17
CA GLN A 30 16.50 -9.04 2.08
C GLN A 30 15.31 -8.43 1.36
N LEU A 31 15.51 -7.91 0.14
CA LEU A 31 14.41 -7.26 -0.57
C LEU A 31 13.30 -8.25 -0.88
N GLU A 32 13.65 -9.44 -1.35
CA GLU A 32 12.62 -10.42 -1.65
C GLU A 32 11.86 -10.85 -0.39
N LYS A 33 12.57 -11.02 0.73
CA LYS A 33 11.90 -11.41 1.96
C LYS A 33 10.93 -10.31 2.38
N TYR A 34 11.38 -9.05 2.33
CA TYR A 34 10.47 -7.97 2.64
C TYR A 34 9.34 -7.89 1.63
N LEU A 35 9.59 -8.32 0.38
CA LEU A 35 8.52 -8.28 -0.60
C LEU A 35 7.43 -9.28 -0.23
N ASP A 36 7.81 -10.53 0.05
CA ASP A 36 6.81 -11.51 0.46
C ASP A 36 6.07 -11.08 1.72
N ARG A 37 6.73 -10.34 2.60
CA ARG A 37 6.11 -9.95 3.85
C ARG A 37 4.96 -8.99 3.61
N TYR A 38 5.14 -8.06 2.67
CA TYR A 38 4.09 -7.09 2.39
C TYR A 38 2.96 -7.69 1.56
N ALA A 39 3.28 -8.53 0.56
CA ALA A 39 2.23 -9.20 -0.21
C ALA A 39 1.38 -10.11 0.68
N LYS A 40 1.98 -10.75 1.67
CA LYS A 40 1.19 -11.51 2.64
C LYS A 40 0.32 -10.56 3.46
N GLU A 41 0.91 -9.47 3.93
CA GLU A 41 0.18 -8.56 4.81
C GLU A 41 -1.05 -8.03 4.13
N TYR A 42 -0.94 -7.63 2.87
CA TYR A 42 -2.05 -7.04 2.13
C TYR A 42 -2.79 -8.05 1.29
N ASP A 43 -2.41 -9.32 1.35
CA ASP A 43 -3.08 -10.40 0.65
C ASP A 43 -3.10 -10.19 -0.87
N VAL A 44 -1.90 -9.98 -1.44
CA VAL A 44 -1.77 -9.70 -2.86
C VAL A 44 -0.60 -10.46 -3.49
N GLU A 45 -0.35 -11.67 -3.00
CA GLU A 45 0.90 -12.35 -3.34
C GLU A 45 1.02 -12.62 -4.84
N HIS A 46 -0.09 -12.95 -5.50
CA HIS A 46 -0.02 -13.20 -6.94
C HIS A 46 0.04 -11.93 -7.77
N LEU A 47 -0.24 -10.77 -7.19
CA LEU A 47 -0.26 -9.52 -7.94
C LEU A 47 1.08 -8.82 -8.01
N ALA A 48 2.06 -9.23 -7.20
CA ALA A 48 3.35 -8.58 -7.29
C ALA A 48 3.88 -8.89 -8.68
N GLY A 49 3.90 -7.89 -9.55
CA GLY A 49 4.30 -8.10 -10.92
C GLY A 49 3.25 -7.68 -11.92
N PRO A 50 3.28 -8.30 -13.11
CA PRO A 50 2.39 -7.85 -14.20
C PRO A 50 0.89 -7.92 -13.88
N GLN A 51 0.41 -9.01 -13.30
CA GLN A 51 -1.02 -9.11 -12.98
C GLN A 51 -1.50 -7.91 -12.17
N GLY A 52 -0.74 -7.52 -11.14
CA GLY A 52 -1.10 -6.33 -10.38
C GLY A 52 -1.12 -5.08 -11.24
N HIS A 53 -0.19 -4.98 -12.18
CA HIS A 53 -0.17 -3.83 -13.08
C HIS A 53 -1.41 -3.81 -13.99
N LEU A 54 -1.81 -4.98 -14.50
CA LEU A 54 -3.03 -5.05 -15.31
C LEU A 54 -4.26 -4.71 -14.50
N VAL A 55 -4.41 -5.34 -13.32
CA VAL A 55 -5.54 -5.05 -12.46
C VAL A 55 -5.60 -3.55 -12.20
N MET A 56 -4.46 -2.93 -11.92
CA MET A 56 -4.47 -1.51 -11.62
C MET A 56 -4.96 -0.73 -12.81
N HIS A 57 -4.45 -1.04 -14.01
CA HIS A 57 -4.89 -0.32 -15.19
C HIS A 57 -6.39 -0.49 -15.38
N LEU A 58 -6.91 -1.71 -15.21
CA LEU A 58 -8.34 -1.93 -15.27
C LEU A 58 -9.07 -1.07 -14.25
N TYR A 59 -8.71 -1.23 -12.98
CA TYR A 59 -9.43 -0.54 -11.90
C TYR A 59 -9.33 0.97 -12.05
N LYS A 60 -8.18 1.45 -12.52
CA LYS A 60 -7.99 2.90 -12.61
C LYS A 60 -8.70 3.50 -13.81
N HIS A 61 -8.87 2.74 -14.90
CA HIS A 61 -9.52 3.22 -16.11
C HIS A 61 -10.73 2.33 -16.35
N PRO A 62 -11.83 2.55 -15.61
CA PRO A 62 -13.01 1.69 -15.76
C PRO A 62 -13.87 2.04 -16.98
N ASP A 63 -13.67 3.20 -17.61
CA ASP A 63 -14.49 3.59 -18.76
C ASP A 63 -13.94 3.11 -20.09
N LYS A 64 -12.71 2.61 -20.15
CA LYS A 64 -12.17 2.02 -21.36
C LYS A 64 -12.31 0.51 -21.29
N ASP A 65 -12.14 -0.15 -22.42
CA ASP A 65 -12.02 -1.60 -22.43
C ASP A 65 -10.59 -1.99 -22.74
N MET A 66 -10.19 -3.16 -22.24
CA MET A 66 -8.86 -3.69 -22.46
C MET A 66 -8.98 -5.02 -23.19
N SER A 67 -8.52 -5.05 -24.45
CA SER A 67 -8.30 -6.32 -25.14
C SER A 67 -6.96 -6.93 -24.71
N ILE A 68 -6.77 -8.18 -25.14
CA ILE A 68 -5.48 -8.81 -24.97
C ILE A 68 -4.39 -8.01 -25.67
N LYS A 69 -4.73 -7.43 -26.83
CA LYS A 69 -3.79 -6.58 -27.57
C LYS A 69 -3.50 -5.29 -26.81
N ASP A 70 -4.48 -4.76 -26.08
CA ASP A 70 -4.19 -3.69 -25.13
C ASP A 70 -3.15 -4.14 -24.10
N ALA A 71 -3.27 -5.38 -23.63
CA ALA A 71 -2.33 -5.82 -22.60
C ALA A 71 -0.92 -5.91 -23.15
N GLU A 72 -0.79 -6.32 -24.42
CA GLU A 72 0.53 -6.35 -25.05
C GLU A 72 1.19 -4.97 -24.96
N GLU A 73 0.45 -3.91 -25.30
CA GLU A 73 1.03 -2.56 -25.32
C GLU A 73 1.32 -2.06 -23.92
N ILE A 74 0.47 -2.41 -22.94
CA ILE A 74 0.63 -1.85 -21.60
C ILE A 74 1.86 -2.44 -20.90
N LEU A 75 2.04 -3.76 -21.02
CA LEU A 75 3.09 -4.52 -20.37
C LEU A 75 4.26 -4.82 -21.30
N HIS A 76 4.24 -4.26 -22.51
CA HIS A 76 5.28 -4.50 -23.52
C HIS A 76 5.65 -5.98 -23.61
N ILE A 77 4.64 -6.83 -23.78
CA ILE A 77 4.84 -8.25 -23.97
C ILE A 77 4.25 -8.68 -25.31
N SER A 78 4.44 -9.95 -25.64
CA SER A 78 3.96 -10.51 -26.87
C SER A 78 2.51 -11.01 -26.71
N LYS A 79 1.85 -11.24 -27.84
CA LYS A 79 0.49 -11.76 -27.75
C LYS A 79 0.49 -13.09 -27.01
N SER A 80 1.49 -13.94 -27.30
CA SER A 80 1.55 -15.24 -26.63
C SER A 80 1.76 -15.08 -25.13
N VAL A 81 2.67 -14.18 -24.73
CA VAL A 81 2.93 -13.95 -23.31
C VAL A 81 1.73 -13.28 -22.65
N ALA A 82 1.13 -12.30 -23.30
CA ALA A 82 -0.08 -11.69 -22.75
C ALA A 82 -1.22 -12.72 -22.64
N SER A 83 -1.35 -13.59 -23.63
CA SER A 83 -2.45 -14.55 -23.60
C SER A 83 -2.31 -15.51 -22.44
N ASN A 84 -1.10 -15.99 -22.18
CA ASN A 84 -0.91 -16.89 -21.04
C ASN A 84 -1.02 -16.15 -19.74
N LEU A 85 -0.70 -14.86 -19.75
CA LEU A 85 -0.83 -14.05 -18.55
C LEU A 85 -2.28 -13.90 -18.12
N VAL A 86 -3.14 -13.45 -19.03
CA VAL A 86 -4.54 -13.25 -18.67
C VAL A 86 -5.24 -14.57 -18.37
N LYS A 87 -4.87 -15.65 -19.07
CA LYS A 87 -5.44 -16.96 -18.73
C LYS A 87 -5.05 -17.35 -17.31
N ARG A 88 -3.83 -16.99 -16.90
CA ARG A 88 -3.44 -17.20 -15.51
C ARG A 88 -4.26 -16.31 -14.57
N MET A 89 -4.48 -15.04 -14.97
CA MET A 89 -5.25 -14.14 -14.11
C MET A 89 -6.70 -14.58 -14.00
N GLU A 90 -7.26 -15.19 -15.04
CA GLU A 90 -8.61 -15.71 -14.95
C GLU A 90 -8.66 -16.92 -14.05
N LYS A 91 -7.66 -17.82 -14.17
CA LYS A 91 -7.62 -18.95 -13.26
C LYS A 91 -7.56 -18.47 -11.82
N ASN A 92 -6.96 -17.32 -11.57
CA ASN A 92 -6.96 -16.74 -10.24
C ASN A 92 -8.22 -15.93 -9.94
N GLY A 93 -9.17 -15.85 -10.88
CA GLY A 93 -10.42 -15.15 -10.64
C GLY A 93 -10.33 -13.64 -10.65
N PHE A 94 -9.25 -13.06 -11.18
CA PHE A 94 -9.10 -11.61 -11.15
C PHE A 94 -9.87 -10.93 -12.27
N ILE A 95 -10.00 -11.62 -13.40
CA ILE A 95 -10.66 -11.09 -14.58
C ILE A 95 -11.55 -12.17 -15.16
N ALA A 96 -12.50 -11.73 -15.98
CA ALA A 96 -13.18 -12.58 -16.95
C ALA A 96 -12.65 -12.22 -18.33
N ILE A 97 -12.31 -13.25 -19.10
CA ILE A 97 -11.92 -13.06 -20.51
C ILE A 97 -13.16 -13.34 -21.34
N VAL A 98 -13.69 -12.31 -21.99
CA VAL A 98 -14.88 -12.49 -22.82
C VAL A 98 -14.58 -12.10 -24.25
N PRO A 99 -14.54 -13.04 -25.19
CA PRO A 99 -14.31 -12.69 -26.60
C PRO A 99 -15.36 -11.71 -27.10
N SER A 100 -14.94 -10.84 -28.01
CA SER A 100 -15.82 -9.82 -28.53
C SER A 100 -17.02 -10.45 -29.22
N LYS A 101 -18.20 -9.91 -28.93
CA LYS A 101 -19.42 -10.36 -29.58
C LYS A 101 -19.51 -9.82 -31.01
N THR A 102 -18.85 -8.69 -31.26
CA THR A 102 -18.71 -8.12 -32.60
C THR A 102 -17.62 -8.81 -33.41
N ASP A 103 -16.39 -8.80 -32.90
CA ASP A 103 -15.23 -9.30 -33.62
C ASP A 103 -14.78 -10.63 -33.02
N LYS A 104 -14.68 -11.67 -33.86
CA LYS A 104 -14.30 -12.98 -33.37
C LYS A 104 -12.84 -13.05 -32.94
N ARG A 105 -12.01 -12.13 -33.42
CA ARG A 105 -10.60 -12.18 -33.12
C ARG A 105 -10.21 -11.37 -31.89
N VAL A 106 -11.11 -10.54 -31.34
CA VAL A 106 -10.79 -9.72 -30.18
C VAL A 106 -11.33 -10.36 -28.90
N LYS A 107 -10.48 -10.43 -27.88
CA LYS A 107 -10.93 -10.93 -26.58
C LYS A 107 -10.74 -9.83 -25.56
N TYR A 108 -11.78 -9.58 -24.77
CA TYR A 108 -11.78 -8.48 -23.83
C TYR A 108 -11.60 -8.98 -22.41
N LEU A 109 -11.15 -8.06 -21.55
CA LEU A 109 -10.84 -8.35 -20.16
C LEU A 109 -11.74 -7.51 -19.27
N TYR A 110 -12.27 -8.11 -18.21
CA TYR A 110 -13.13 -7.37 -17.31
C TYR A 110 -12.76 -7.74 -15.88
N LEU A 111 -12.55 -6.72 -15.05
CA LEU A 111 -12.24 -6.93 -13.65
C LEU A 111 -13.45 -7.53 -12.92
N THR A 112 -13.25 -8.64 -12.22
CA THR A 112 -14.34 -9.20 -11.43
C THR A 112 -14.51 -8.45 -10.11
N HIS A 113 -15.49 -8.91 -9.33
CA HIS A 113 -15.67 -8.40 -7.97
C HIS A 113 -14.41 -8.63 -7.14
N LEU A 114 -13.87 -9.84 -7.21
CA LEU A 114 -12.65 -10.18 -6.50
C LEU A 114 -11.47 -9.30 -6.96
N GLY A 115 -11.40 -9.03 -8.27
CA GLY A 115 -10.32 -8.20 -8.78
C GLY A 115 -10.41 -6.75 -8.33
N LYS A 116 -11.62 -6.24 -8.13
CA LYS A 116 -11.75 -4.87 -7.64
C LYS A 116 -11.25 -4.74 -6.19
N GLN A 117 -11.57 -5.71 -5.34
CA GLN A 117 -11.01 -5.72 -3.98
C GLN A 117 -9.47 -5.81 -4.00
N LYS A 118 -8.92 -6.71 -4.84
CA LYS A 118 -7.47 -6.86 -4.95
C LYS A 118 -6.81 -5.56 -5.38
N ALA A 119 -7.46 -4.79 -6.25
CA ALA A 119 -6.89 -3.52 -6.68
C ALA A 119 -6.57 -2.64 -5.48
N THR A 120 -7.58 -2.36 -4.65
CA THR A 120 -7.35 -1.45 -3.53
C THR A 120 -6.41 -2.07 -2.50
N GLN A 121 -6.43 -3.40 -2.36
CA GLN A 121 -5.42 -4.05 -1.54
C GLN A 121 -4.03 -3.88 -2.16
N PHE A 122 -3.93 -3.86 -3.49
CA PHE A 122 -2.65 -3.70 -4.16
C PHE A 122 -2.15 -2.26 -4.06
N GLU A 123 -3.05 -1.29 -4.10
CA GLU A 123 -2.65 0.11 -3.91
C GLU A 123 -1.98 0.33 -2.55
N ILE A 124 -2.57 -0.19 -1.48
CA ILE A 124 -1.95 0.03 -0.18
C ILE A 124 -0.63 -0.71 -0.10
N PHE A 125 -0.52 -1.86 -0.76
CA PHE A 125 0.73 -2.61 -0.76
C PHE A 125 1.84 -1.80 -1.42
N LEU A 126 1.56 -1.22 -2.59
CA LEU A 126 2.54 -0.37 -3.23
C LEU A 126 2.89 0.82 -2.35
N GLU A 127 1.88 1.38 -1.69
CA GLU A 127 2.14 2.48 -0.76
C GLU A 127 3.11 2.05 0.32
N LYS A 128 2.97 0.81 0.81
CA LYS A 128 3.89 0.31 1.83
C LYS A 128 5.30 0.15 1.27
N LEU A 129 5.43 -0.33 0.03
CA LEU A 129 6.76 -0.45 -0.58
C LEU A 129 7.40 0.92 -0.71
N HIS A 130 6.67 1.87 -1.27
CA HIS A 130 7.16 3.24 -1.36
C HIS A 130 7.35 3.86 0.01
N SER A 131 6.69 3.34 1.04
CA SER A 131 6.90 3.85 2.37
C SER A 131 8.14 3.23 3.04
N THR A 132 8.41 1.95 2.80
CA THR A 132 9.51 1.31 3.52
C THR A 132 10.74 0.99 2.65
N MET A 133 10.68 -0.08 1.87
CA MET A 133 11.88 -0.53 1.16
C MET A 133 12.28 0.41 0.03
N LEU A 134 11.31 1.06 -0.62
CA LEU A 134 11.58 1.93 -1.76
C LEU A 134 11.57 3.41 -1.39
N ALA A 135 11.86 3.72 -0.13
CA ALA A 135 11.92 5.11 0.31
C ALA A 135 13.11 5.85 -0.31
N GLY A 136 12.87 7.11 -0.66
CA GLY A 136 13.92 7.95 -1.22
C GLY A 136 14.35 7.60 -2.63
N ILE A 137 13.62 6.71 -3.31
CA ILE A 137 13.96 6.29 -4.67
C ILE A 137 12.82 6.71 -5.59
N THR A 138 13.07 7.71 -6.43
CA THR A 138 12.07 8.14 -7.40
C THR A 138 11.82 7.02 -8.42
N LYS A 139 10.75 7.17 -9.20
CA LYS A 139 10.46 6.16 -10.21
C LYS A 139 11.45 6.24 -11.37
N GLU A 140 11.94 7.43 -11.71
CA GLU A 140 12.96 7.50 -12.77
C GLU A 140 14.24 6.81 -12.33
N GLU A 141 14.59 6.93 -11.04
CA GLU A 141 15.77 6.24 -10.52
C GLU A 141 15.59 4.73 -10.60
N ILE A 142 14.36 4.25 -10.44
CA ILE A 142 14.09 2.82 -10.55
C ILE A 142 14.18 2.37 -12.00
N ARG A 143 13.65 3.17 -12.92
CA ARG A 143 13.69 2.80 -14.33
C ARG A 143 15.13 2.69 -14.84
N THR A 144 16.01 3.60 -14.42
CA THR A 144 17.40 3.48 -14.83
C THR A 144 18.03 2.24 -14.20
N THR A 145 17.79 2.03 -12.90
CA THR A 145 18.34 0.87 -12.22
C THR A 145 17.99 -0.40 -12.95
N LYS A 146 16.72 -0.53 -13.37
CA LYS A 146 16.32 -1.67 -14.18
C LYS A 146 17.06 -1.72 -15.52
N LYS A 147 17.29 -0.55 -16.16
CA LYS A 147 17.99 -0.56 -17.44
C LYS A 147 19.43 -0.99 -17.27
N VAL A 148 20.11 -0.47 -16.25
CA VAL A 148 21.50 -0.87 -16.01
C VAL A 148 21.56 -2.38 -15.82
N ILE A 149 20.57 -2.93 -15.09
CA ILE A 149 20.58 -4.37 -14.84
C ILE A 149 20.36 -5.14 -16.13
N ARG A 150 19.51 -4.63 -17.02
CA ARG A 150 19.28 -5.31 -18.28
C ARG A 150 20.50 -5.22 -19.19
N THR A 151 21.16 -4.06 -19.22
CA THR A 151 22.29 -3.93 -20.11
C THR A 151 23.55 -4.62 -19.58
N LEU A 152 23.73 -4.69 -18.24
CA LEU A 152 24.84 -5.47 -17.70
C LEU A 152 24.69 -6.96 -18.02
N ALA A 153 23.48 -7.49 -17.87
CA ALA A 153 23.24 -8.87 -18.26
C ALA A 153 23.49 -9.07 -19.76
N LYS A 154 23.08 -8.10 -20.57
CA LYS A 154 23.36 -8.26 -21.99
C LYS A 154 24.86 -8.26 -22.25
N ASN A 155 25.62 -7.45 -21.51
CA ASN A 155 27.05 -7.37 -21.80
C ASN A 155 27.80 -8.65 -21.43
N MET A 156 27.36 -9.40 -20.43
CA MET A 156 27.94 -10.72 -20.17
C MET A 156 27.25 -11.80 -20.99
N ALA A 157 27.30 -11.61 -22.30
CA ALA A 157 26.78 -12.60 -23.25
C ALA A 157 27.39 -12.34 -24.62
N ASN B 19 10.31 -10.15 -12.75
CA ASN B 19 10.42 -9.57 -11.42
C ASN B 19 11.82 -8.98 -11.23
N PRO B 20 11.90 -7.68 -10.93
CA PRO B 20 13.22 -7.04 -10.82
C PRO B 20 14.14 -7.70 -9.82
N LEU B 21 13.60 -8.15 -8.69
CA LEU B 21 14.44 -8.78 -7.67
C LEU B 21 14.95 -10.14 -8.15
N GLN B 22 14.09 -10.93 -8.81
CA GLN B 22 14.56 -12.18 -9.37
C GLN B 22 15.62 -11.96 -10.44
N LYS B 23 15.50 -10.89 -11.23
CA LYS B 23 16.50 -10.67 -12.27
C LYS B 23 17.82 -10.25 -11.66
N ALA B 24 17.76 -9.36 -10.66
CA ALA B 24 18.97 -8.93 -9.97
C ALA B 24 19.68 -10.11 -9.34
N ARG B 25 18.94 -10.99 -8.67
CA ARG B 25 19.55 -12.20 -8.12
C ARG B 25 20.27 -13.00 -9.20
N ILE B 26 19.65 -13.10 -10.38
CA ILE B 26 20.26 -13.81 -11.50
C ILE B 26 21.52 -13.09 -11.99
N LEU B 27 21.46 -11.75 -12.05
CA LEU B 27 22.58 -10.98 -12.57
C LEU B 27 23.81 -11.17 -11.69
N VAL B 28 23.62 -11.06 -10.37
CA VAL B 28 24.70 -11.21 -9.42
C VAL B 28 25.44 -12.53 -9.66
N ASN B 29 24.67 -13.61 -9.84
CA ASN B 29 25.33 -14.90 -10.05
C ASN B 29 26.10 -14.93 -11.36
N GLN B 30 25.52 -14.38 -12.44
CA GLN B 30 26.23 -14.30 -13.71
C GLN B 30 27.48 -13.43 -13.56
N LEU B 31 27.34 -12.34 -12.82
CA LEU B 31 28.43 -11.39 -12.62
C LEU B 31 29.61 -12.03 -11.89
N GLU B 32 29.34 -12.83 -10.86
CA GLU B 32 30.45 -13.46 -10.17
C GLU B 32 31.17 -14.46 -11.07
N LYS B 33 30.41 -15.22 -11.86
CA LYS B 33 31.02 -16.15 -12.81
C LYS B 33 31.80 -15.40 -13.88
N TYR B 34 31.23 -14.32 -14.40
CA TYR B 34 31.91 -13.54 -15.43
C TYR B 34 33.25 -12.97 -14.94
N LEU B 35 33.30 -12.55 -13.68
CA LEU B 35 34.52 -11.98 -13.09
C LEU B 35 35.59 -13.04 -12.83
N ASP B 36 35.20 -14.19 -12.28
CA ASP B 36 36.17 -15.23 -12.07
C ASP B 36 36.80 -15.64 -13.39
N ARG B 37 36.01 -15.66 -14.47
CA ARG B 37 36.54 -16.11 -15.75
C ARG B 37 37.55 -15.14 -16.32
N TYR B 38 37.28 -13.83 -16.24
CA TYR B 38 38.22 -12.86 -16.79
C TYR B 38 39.47 -12.74 -15.93
N ALA B 39 39.30 -12.70 -14.61
CA ALA B 39 40.47 -12.61 -13.75
C ALA B 39 41.42 -13.77 -14.01
N LYS B 40 40.88 -14.94 -14.37
CA LYS B 40 41.76 -16.02 -14.76
C LYS B 40 42.43 -15.76 -16.10
N GLU B 41 41.68 -15.27 -17.09
CA GLU B 41 42.25 -15.02 -18.41
C GLU B 41 43.35 -13.97 -18.35
N TYR B 42 43.21 -12.98 -17.48
CA TYR B 42 44.21 -11.92 -17.34
C TYR B 42 45.24 -12.25 -16.26
N ASP B 43 45.14 -13.41 -15.61
CA ASP B 43 46.13 -13.84 -14.65
C ASP B 43 46.28 -12.80 -13.54
N VAL B 44 45.15 -12.42 -12.96
CA VAL B 44 45.10 -11.50 -11.84
C VAL B 44 44.06 -12.07 -10.91
N GLU B 45 43.94 -13.40 -10.90
CA GLU B 45 42.84 -14.05 -10.20
C GLU B 45 42.88 -13.77 -8.70
N HIS B 46 44.07 -13.83 -8.09
CA HIS B 46 44.18 -13.54 -6.67
C HIS B 46 44.20 -12.04 -6.39
N LEU B 47 44.47 -11.24 -7.40
CA LEU B 47 44.57 -9.80 -7.19
C LEU B 47 43.22 -9.12 -7.32
N ALA B 48 42.24 -9.79 -7.93
CA ALA B 48 40.89 -9.29 -8.16
C ALA B 48 40.15 -9.02 -6.87
N GLY B 49 39.83 -7.77 -6.60
CA GLY B 49 39.17 -7.39 -5.37
C GLY B 49 39.97 -6.36 -4.60
N PRO B 50 39.82 -6.36 -3.27
CA PRO B 50 40.46 -5.30 -2.47
C PRO B 50 41.96 -5.21 -2.67
N GLN B 51 42.68 -6.34 -2.71
CA GLN B 51 44.11 -6.27 -2.99
C GLN B 51 44.39 -5.55 -4.29
N GLY B 52 43.59 -5.82 -5.32
CA GLY B 52 43.75 -5.10 -6.57
C GLY B 52 43.50 -3.60 -6.40
N HIS B 53 42.51 -3.25 -5.59
CA HIS B 53 42.22 -1.84 -5.37
C HIS B 53 43.40 -1.16 -4.68
N LEU B 54 44.01 -1.84 -3.70
CA LEU B 54 45.19 -1.29 -3.04
C LEU B 54 46.37 -1.21 -4.00
N VAL B 55 46.68 -2.31 -4.68
CA VAL B 55 47.77 -2.34 -5.63
C VAL B 55 47.62 -1.24 -6.66
N MET B 56 46.39 -1.00 -7.11
CA MET B 56 46.15 0.05 -8.11
C MET B 56 46.51 1.41 -7.57
N HIS B 57 46.00 1.75 -6.39
CA HIS B 57 46.25 3.06 -5.81
C HIS B 57 47.75 3.30 -5.63
N LEU B 58 48.47 2.28 -5.17
CA LEU B 58 49.91 2.40 -5.03
C LEU B 58 50.53 2.77 -6.37
N TYR B 59 50.26 1.95 -7.39
CA TYR B 59 50.92 2.13 -8.67
C TYR B 59 50.48 3.43 -9.34
N LYS B 60 49.25 3.88 -9.09
CA LYS B 60 48.77 5.09 -9.74
C LYS B 60 49.35 6.35 -9.11
N HIS B 61 49.71 6.29 -7.82
CA HIS B 61 50.21 7.45 -7.06
C HIS B 61 51.59 7.15 -6.52
N PRO B 62 52.64 7.26 -7.35
CA PRO B 62 53.99 6.90 -6.90
C PRO B 62 54.64 7.96 -6.02
N ASP B 63 54.14 9.19 -6.03
CA ASP B 63 54.70 10.27 -5.25
C ASP B 63 54.12 10.36 -3.84
N LYS B 64 53.08 9.60 -3.56
CA LYS B 64 52.50 9.53 -2.22
C LYS B 64 52.98 8.27 -1.49
N ASP B 65 52.80 8.28 -0.17
CA ASP B 65 52.96 7.10 0.65
C ASP B 65 51.61 6.62 1.13
N MET B 66 51.49 5.31 1.31
CA MET B 66 50.26 4.69 1.78
C MET B 66 50.53 4.06 3.13
N SER B 67 49.95 4.64 4.18
CA SER B 67 49.95 3.97 5.45
C SER B 67 48.84 2.92 5.47
N ILE B 68 48.88 2.03 6.46
CA ILE B 68 47.73 1.15 6.64
C ILE B 68 46.44 1.94 6.83
N LYS B 69 46.52 3.11 7.47
CA LYS B 69 45.34 3.95 7.62
C LYS B 69 44.88 4.52 6.27
N ASP B 70 45.81 4.79 5.35
CA ASP B 70 45.39 5.16 4.00
C ASP B 70 44.53 4.06 3.38
N ALA B 71 44.90 2.79 3.60
CA ALA B 71 44.13 1.67 3.06
C ALA B 71 42.76 1.56 3.72
N GLU B 72 42.68 1.82 5.02
CA GLU B 72 41.38 1.82 5.68
C GLU B 72 40.46 2.86 5.05
N GLU B 73 40.95 4.09 4.90
CA GLU B 73 40.06 5.16 4.42
C GLU B 73 39.64 4.94 2.98
N ILE B 74 40.51 4.39 2.14
CA ILE B 74 40.13 4.17 0.75
C ILE B 74 39.17 2.99 0.63
N LEU B 75 39.39 1.95 1.41
CA LEU B 75 38.54 0.77 1.35
C LEU B 75 37.48 0.75 2.43
N HIS B 76 37.38 1.81 3.22
CA HIS B 76 36.37 1.92 4.28
C HIS B 76 36.20 0.60 5.01
N ILE B 77 37.34 0.08 5.48
CA ILE B 77 37.36 -1.09 6.34
C ILE B 77 38.02 -0.69 7.66
N SER B 78 37.91 -1.59 8.64
CA SER B 78 38.46 -1.36 9.97
C SER B 78 39.94 -1.72 9.99
N LYS B 79 40.62 -1.27 11.05
CA LYS B 79 42.06 -1.52 11.18
C LYS B 79 42.37 -3.01 11.24
N SER B 80 41.56 -3.78 11.98
CA SER B 80 41.80 -5.23 12.03
C SER B 80 41.62 -5.85 10.65
N VAL B 81 40.58 -5.43 9.92
CA VAL B 81 40.37 -5.97 8.58
C VAL B 81 41.45 -5.50 7.61
N ALA B 82 41.79 -4.21 7.64
CA ALA B 82 42.84 -3.72 6.77
C ALA B 82 44.19 -4.34 7.12
N SER B 83 44.48 -4.52 8.41
CA SER B 83 45.80 -5.05 8.78
C SER B 83 45.97 -6.48 8.27
N ASN B 84 44.91 -7.30 8.34
CA ASN B 84 45.04 -8.65 7.80
C ASN B 84 45.08 -8.64 6.27
N LEU B 85 44.48 -7.63 5.66
CA LEU B 85 44.55 -7.49 4.20
C LEU B 85 45.96 -7.20 3.74
N VAL B 86 46.59 -6.17 4.30
CA VAL B 86 47.96 -5.87 3.91
C VAL B 86 48.87 -7.01 4.30
N LYS B 87 48.54 -7.72 5.39
CA LYS B 87 49.33 -8.90 5.76
C LYS B 87 49.20 -9.97 4.70
N ARG B 88 48.01 -10.12 4.11
CA ARG B 88 47.84 -11.07 3.01
C ARG B 88 48.66 -10.64 1.80
N MET B 89 48.61 -9.36 1.45
CA MET B 89 49.34 -8.88 0.29
C MET B 89 50.84 -9.04 0.44
N GLU B 90 51.36 -8.91 1.67
CA GLU B 90 52.77 -9.18 1.88
C GLU B 90 53.09 -10.66 1.75
N LYS B 91 52.23 -11.53 2.29
CA LYS B 91 52.50 -12.96 2.14
C LYS B 91 52.50 -13.38 0.67
N ASN B 92 51.71 -12.72 -0.17
CA ASN B 92 51.64 -13.01 -1.60
C ASN B 92 52.77 -12.36 -2.39
N GLY B 93 53.68 -11.67 -1.73
CA GLY B 93 54.78 -11.04 -2.42
C GLY B 93 54.39 -9.80 -3.18
N PHE B 94 53.20 -9.25 -2.88
CA PHE B 94 52.73 -8.07 -3.59
C PHE B 94 53.33 -6.77 -3.04
N ILE B 95 53.54 -6.70 -1.72
CA ILE B 95 54.01 -5.48 -1.07
C ILE B 95 55.08 -5.76 -0.02
N ALA B 96 55.84 -4.71 0.29
CA ALA B 96 56.69 -4.64 1.46
C ALA B 96 56.00 -3.74 2.45
N ILE B 97 55.87 -4.20 3.68
CA ILE B 97 55.32 -3.40 4.76
C ILE B 97 56.51 -2.80 5.48
N VAL B 98 56.56 -1.48 5.51
CA VAL B 98 57.66 -0.80 6.16
C VAL B 98 57.16 0.04 7.32
N PRO B 99 57.44 -0.34 8.56
CA PRO B 99 57.04 0.48 9.71
C PRO B 99 57.73 1.84 9.76
N SER B 100 56.97 2.84 10.21
CA SER B 100 57.47 4.18 10.41
C SER B 100 58.52 4.21 11.52
N LYS B 101 59.58 4.99 11.32
CA LYS B 101 60.63 5.08 12.35
C LYS B 101 60.25 6.03 13.49
N THR B 102 59.42 7.03 13.23
CA THR B 102 58.99 7.93 14.30
C THR B 102 57.90 7.29 15.16
N ASP B 103 56.77 6.94 14.55
CA ASP B 103 55.62 6.41 15.26
C ASP B 103 55.60 4.92 15.01
N LYS B 104 55.71 4.12 16.09
CA LYS B 104 55.83 2.69 15.91
C LYS B 104 54.56 2.05 15.38
N ARG B 105 53.42 2.73 15.49
CA ARG B 105 52.12 2.19 15.14
C ARG B 105 51.72 2.43 13.68
N VAL B 106 52.47 3.24 12.94
CA VAL B 106 52.16 3.54 11.55
C VAL B 106 53.00 2.64 10.66
N LYS B 107 52.36 1.96 9.73
CA LYS B 107 53.06 1.11 8.79
C LYS B 107 52.75 1.53 7.36
N TYR B 108 53.77 1.49 6.51
CA TYR B 108 53.68 1.93 5.13
C TYR B 108 53.66 0.74 4.18
N LEU B 109 53.07 0.95 3.00
CA LEU B 109 52.93 -0.12 2.01
C LEU B 109 53.68 0.31 0.76
N TYR B 110 54.43 -0.63 0.20
CA TYR B 110 55.21 -0.41 -1.00
C TYR B 110 55.10 -1.59 -1.95
N LEU B 111 54.87 -1.30 -3.22
CA LEU B 111 54.83 -2.34 -4.22
C LEU B 111 56.19 -3.00 -4.43
N THR B 112 56.17 -4.33 -4.51
CA THR B 112 57.34 -5.04 -4.96
C THR B 112 57.38 -5.01 -6.48
N HIS B 113 58.38 -5.70 -7.04
CA HIS B 113 58.44 -5.86 -8.47
C HIS B 113 57.21 -6.61 -8.98
N LEU B 114 56.87 -7.71 -8.30
CA LEU B 114 55.70 -8.50 -8.66
C LEU B 114 54.42 -7.67 -8.54
N GLY B 115 54.31 -6.85 -7.51
CA GLY B 115 53.14 -5.99 -7.39
C GLY B 115 53.06 -4.99 -8.52
N LYS B 116 54.20 -4.50 -8.99
CA LYS B 116 54.20 -3.54 -10.09
C LYS B 116 53.72 -4.18 -11.38
N GLN B 117 54.27 -5.35 -11.71
CA GLN B 117 53.81 -6.10 -12.88
C GLN B 117 52.34 -6.45 -12.74
N LYS B 118 51.94 -6.98 -11.59
CA LYS B 118 50.55 -7.32 -11.37
C LYS B 118 49.65 -6.07 -11.48
N ALA B 119 50.12 -4.94 -10.96
CA ALA B 119 49.35 -3.69 -11.07
C ALA B 119 49.07 -3.35 -12.51
N THR B 120 50.12 -3.26 -13.31
CA THR B 120 50.01 -2.83 -14.68
C THR B 120 49.20 -3.82 -15.52
N GLN B 121 49.24 -5.11 -15.16
CA GLN B 121 48.34 -6.11 -15.75
C GLN B 121 46.90 -5.90 -15.30
N PHE B 122 46.72 -5.46 -14.05
CA PHE B 122 45.39 -5.25 -13.51
C PHE B 122 44.73 -4.04 -14.17
N GLU B 123 45.51 -3.00 -14.49
CA GLU B 123 44.99 -1.87 -15.26
C GLU B 123 44.39 -2.34 -16.57
N ILE B 124 45.06 -3.27 -17.25
CA ILE B 124 44.60 -3.76 -18.54
C ILE B 124 43.32 -4.58 -18.41
N PHE B 125 43.23 -5.40 -17.35
CA PHE B 125 42.05 -6.22 -17.11
C PHE B 125 40.83 -5.35 -16.78
N LEU B 126 41.00 -4.37 -15.91
CA LEU B 126 39.93 -3.42 -15.63
C LEU B 126 39.55 -2.64 -16.88
N GLU B 127 40.53 -2.24 -17.68
CA GLU B 127 40.23 -1.44 -18.86
C GLU B 127 39.24 -2.16 -19.78
N LYS B 128 39.44 -3.47 -19.98
CA LYS B 128 38.51 -4.27 -20.79
C LYS B 128 37.16 -4.45 -20.10
N LEU B 129 37.14 -4.60 -18.76
CA LEU B 129 35.85 -4.69 -18.07
C LEU B 129 35.02 -3.42 -18.26
N HIS B 130 35.64 -2.26 -18.03
CA HIS B 130 34.94 -1.00 -18.29
C HIS B 130 34.60 -0.85 -19.76
N SER B 131 35.31 -1.57 -20.62
CA SER B 131 35.02 -1.54 -22.05
C SER B 131 33.81 -2.42 -22.39
N THR B 132 33.66 -3.55 -21.71
CA THR B 132 32.64 -4.54 -22.03
C THR B 132 31.44 -4.40 -21.10
N MET B 133 31.65 -4.55 -19.79
CA MET B 133 30.51 -4.58 -18.87
C MET B 133 29.75 -3.26 -18.87
N LEU B 134 30.43 -2.13 -18.99
CA LEU B 134 29.76 -0.83 -18.94
C LEU B 134 29.49 -0.24 -20.32
N ALA B 135 29.38 -1.09 -21.34
CA ALA B 135 28.94 -0.61 -22.64
C ALA B 135 27.47 -0.21 -22.56
N GLY B 136 27.12 0.90 -23.23
CA GLY B 136 25.76 1.39 -23.25
C GLY B 136 25.25 1.96 -21.94
N ILE B 137 26.09 2.10 -20.93
CA ILE B 137 25.69 2.62 -19.64
C ILE B 137 26.44 3.92 -19.42
N THR B 138 25.72 5.04 -19.48
CA THR B 138 26.35 6.32 -19.17
C THR B 138 26.80 6.35 -17.71
N LYS B 139 27.65 7.32 -17.39
CA LYS B 139 28.11 7.48 -16.01
C LYS B 139 27.00 8.00 -15.10
N GLU B 140 26.07 8.80 -15.64
CA GLU B 140 24.93 9.25 -14.86
C GLU B 140 24.02 8.07 -14.50
N GLU B 141 23.89 7.11 -15.41
CA GLU B 141 23.14 5.90 -15.08
C GLU B 141 23.82 5.11 -13.97
N ILE B 142 25.16 5.11 -13.95
CA ILE B 142 25.90 4.35 -12.94
C ILE B 142 25.84 5.02 -11.58
N ARG B 143 26.02 6.35 -11.54
CA ARG B 143 25.98 7.03 -10.25
C ARG B 143 24.64 6.85 -9.58
N THR B 144 23.56 6.91 -10.36
CA THR B 144 22.24 6.68 -9.81
C THR B 144 22.07 5.23 -9.37
N THR B 145 22.49 4.28 -10.21
CA THR B 145 22.36 2.88 -9.81
C THR B 145 23.05 2.62 -8.48
N LYS B 146 24.27 3.13 -8.31
CA LYS B 146 24.94 3.05 -7.01
C LYS B 146 24.11 3.76 -5.95
N LYS B 147 23.46 4.87 -6.32
CA LYS B 147 22.65 5.61 -5.37
C LYS B 147 21.44 4.78 -4.94
N VAL B 148 20.75 4.15 -5.90
CA VAL B 148 19.59 3.32 -5.60
C VAL B 148 19.97 2.15 -4.70
N ILE B 149 21.10 1.50 -5.00
CA ILE B 149 21.48 0.33 -4.21
C ILE B 149 21.82 0.74 -2.79
N ARG B 150 22.45 1.90 -2.61
CA ARG B 150 22.79 2.35 -1.26
C ARG B 150 21.54 2.69 -0.47
N THR B 151 20.56 3.33 -1.12
CA THR B 151 19.34 3.68 -0.40
C THR B 151 18.47 2.46 -0.14
N LEU B 152 18.57 1.43 -0.99
CA LEU B 152 17.91 0.18 -0.63
C LEU B 152 18.57 -0.43 0.60
N ALA B 153 19.91 -0.45 0.62
CA ALA B 153 20.66 -0.99 1.75
C ALA B 153 20.38 -0.21 3.03
N LYS B 154 20.38 1.13 2.94
CA LYS B 154 20.04 1.93 4.11
C LYS B 154 18.61 1.64 4.56
N ASN B 155 17.69 1.42 3.60
CA ASN B 155 16.29 1.13 3.96
C ASN B 155 16.17 -0.22 4.63
N MET B 156 17.08 -1.14 4.34
CA MET B 156 17.17 -2.35 5.14
C MET B 156 17.99 -2.02 6.38
N ASN C 19 -37.67 -4.32 16.32
CA ASN C 19 -37.48 -2.97 16.83
C ASN C 19 -36.53 -2.21 15.91
N PRO C 20 -36.95 -1.03 15.45
CA PRO C 20 -36.08 -0.23 14.57
C PRO C 20 -34.88 0.35 15.28
N LEU C 21 -34.98 0.59 16.60
CA LEU C 21 -33.86 1.22 17.30
C LEU C 21 -32.82 0.20 17.72
N GLN C 22 -33.24 -0.95 18.25
CA GLN C 22 -32.28 -2.02 18.47
C GLN C 22 -31.66 -2.48 17.16
N LYS C 23 -32.38 -2.34 16.05
CA LYS C 23 -31.80 -2.63 14.73
C LYS C 23 -30.89 -1.50 14.27
N ALA C 24 -31.32 -0.25 14.48
CA ALA C 24 -30.41 0.87 14.28
C ALA C 24 -29.22 0.81 15.23
N ARG C 25 -29.34 0.05 16.33
CA ARG C 25 -28.19 -0.25 17.17
C ARG C 25 -27.31 -1.34 16.56
N ILE C 26 -27.93 -2.36 15.96
CA ILE C 26 -27.14 -3.40 15.29
C ILE C 26 -26.28 -2.79 14.18
N LEU C 27 -26.87 -1.89 13.38
CA LEU C 27 -26.16 -1.32 12.25
C LEU C 27 -24.92 -0.55 12.69
N VAL C 28 -25.10 0.43 13.59
CA VAL C 28 -24.00 1.28 14.03
C VAL C 28 -22.89 0.45 14.65
N ASN C 29 -23.24 -0.66 15.32
CA ASN C 29 -22.20 -1.53 15.88
C ASN C 29 -21.40 -2.21 14.77
N GLN C 30 -22.08 -2.77 13.77
CA GLN C 30 -21.39 -3.48 12.69
C GLN C 30 -20.58 -2.52 11.82
N LEU C 31 -21.12 -1.33 11.57
CA LEU C 31 -20.34 -0.30 10.91
C LEU C 31 -19.04 -0.06 11.64
N GLU C 32 -19.07 -0.08 12.98
CA GLU C 32 -17.85 0.08 13.75
C GLU C 32 -16.93 -1.11 13.58
N LYS C 33 -17.48 -2.32 13.59
CA LYS C 33 -16.64 -3.51 13.43
C LYS C 33 -15.88 -3.48 12.11
N TYR C 34 -16.51 -2.99 11.05
CA TYR C 34 -15.88 -2.97 9.74
C TYR C 34 -15.12 -1.69 9.45
N LEU C 35 -15.61 -0.53 9.93
CA LEU C 35 -14.80 0.68 9.83
C LEU C 35 -13.46 0.51 10.55
N ASP C 36 -13.44 -0.25 11.64
CA ASP C 36 -12.21 -0.45 12.38
C ASP C 36 -11.32 -1.52 11.73
N ARG C 37 -11.93 -2.51 11.07
CA ARG C 37 -11.13 -3.50 10.36
C ARG C 37 -10.37 -2.87 9.21
N TYR C 38 -11.06 -2.12 8.34
CA TYR C 38 -10.39 -1.50 7.21
C TYR C 38 -9.36 -0.48 7.67
N ALA C 39 -9.67 0.27 8.73
CA ALA C 39 -8.73 1.29 9.19
C ALA C 39 -7.38 0.68 9.53
N LYS C 40 -7.38 -0.54 10.07
CA LYS C 40 -6.12 -1.21 10.35
C LYS C 40 -5.52 -1.80 9.08
N GLU C 41 -6.38 -2.31 8.19
CA GLU C 41 -5.87 -2.85 6.92
C GLU C 41 -5.08 -1.78 6.18
N TYR C 42 -5.58 -0.54 6.17
CA TYR C 42 -4.95 0.55 5.42
C TYR C 42 -4.15 1.49 6.29
N ASP C 43 -3.92 1.14 7.56
CA ASP C 43 -2.94 1.81 8.42
C ASP C 43 -3.27 3.29 8.63
N VAL C 44 -4.50 3.57 9.06
CA VAL C 44 -4.95 4.94 9.28
C VAL C 44 -5.94 5.03 10.44
N GLU C 45 -5.62 4.41 11.58
CA GLU C 45 -6.58 4.33 12.67
C GLU C 45 -6.85 5.66 13.35
N HIS C 46 -5.99 6.66 13.17
CA HIS C 46 -6.15 7.96 13.82
C HIS C 46 -6.93 8.98 13.00
N LEU C 47 -7.43 8.61 11.82
CA LEU C 47 -7.81 9.60 10.82
C LEU C 47 -9.29 9.64 10.47
N ALA C 48 -10.06 8.59 10.74
CA ALA C 48 -11.45 8.55 10.29
C ALA C 48 -12.29 9.67 10.89
N GLY C 49 -11.80 10.91 10.77
CA GLY C 49 -12.46 12.08 11.31
C GLY C 49 -11.86 13.37 10.80
N PRO C 50 -11.91 14.44 11.62
CA PRO C 50 -11.35 15.72 11.16
C PRO C 50 -9.89 15.66 10.74
N GLN C 51 -9.03 15.00 11.52
CA GLN C 51 -7.60 14.92 11.21
C GLN C 51 -7.36 14.43 9.78
N GLY C 52 -8.04 13.35 9.40
CA GLY C 52 -7.74 12.68 8.14
C GLY C 52 -8.12 13.50 6.92
N HIS C 53 -9.21 14.26 7.01
CA HIS C 53 -9.58 15.08 5.86
C HIS C 53 -8.73 16.34 5.75
N LEU C 54 -8.30 16.91 6.88
CA LEU C 54 -7.33 18.00 6.84
C LEU C 54 -6.06 17.58 6.11
N VAL C 55 -5.52 16.44 6.50
CA VAL C 55 -4.34 15.88 5.87
C VAL C 55 -4.63 15.56 4.40
N MET C 56 -5.89 15.25 4.07
CA MET C 56 -6.31 15.02 2.69
C MET C 56 -6.37 16.33 1.92
N HIS C 57 -7.01 17.34 2.49
CA HIS C 57 -6.99 18.66 1.88
C HIS C 57 -5.58 19.14 1.61
N LEU C 58 -4.69 19.02 2.59
CA LEU C 58 -3.32 19.48 2.36
C LEU C 58 -2.66 18.73 1.21
N TYR C 59 -2.92 17.43 1.10
CA TYR C 59 -2.26 16.65 0.06
C TYR C 59 -2.90 16.90 -1.31
N LYS C 60 -4.21 17.14 -1.35
CA LYS C 60 -4.85 17.53 -2.60
C LYS C 60 -4.32 18.86 -3.12
N HIS C 61 -3.89 19.75 -2.22
CA HIS C 61 -3.71 21.17 -2.54
C HIS C 61 -2.30 21.65 -2.25
N PRO C 62 -1.29 21.04 -2.86
CA PRO C 62 0.10 21.36 -2.47
C PRO C 62 0.53 22.78 -2.83
N ASP C 63 -0.23 23.49 -3.67
CA ASP C 63 0.18 24.81 -4.13
C ASP C 63 -0.43 25.96 -3.33
N LYS C 64 -1.31 25.66 -2.37
CA LYS C 64 -1.94 26.68 -1.54
C LYS C 64 -1.46 26.57 -0.09
N ASP C 65 -1.18 27.71 0.53
CA ASP C 65 -0.82 27.73 1.95
C ASP C 65 -2.07 27.67 2.80
N MET C 66 -2.09 26.76 3.75
CA MET C 66 -3.28 26.51 4.56
C MET C 66 -3.05 27.03 5.98
N SER C 67 -3.89 27.99 6.40
CA SER C 67 -3.88 28.52 7.75
C SER C 67 -4.89 27.79 8.62
N ILE C 68 -4.79 28.02 9.93
CA ILE C 68 -5.75 27.49 10.89
C ILE C 68 -7.15 28.03 10.59
N LYS C 69 -7.25 29.28 10.13
CA LYS C 69 -8.54 29.80 9.70
C LYS C 69 -9.10 28.99 8.53
N ASP C 70 -8.27 28.73 7.52
CA ASP C 70 -8.67 27.81 6.45
C ASP C 70 -9.22 26.51 7.02
N ALA C 71 -8.46 25.90 7.95
CA ALA C 71 -8.94 24.72 8.65
C ALA C 71 -10.30 24.95 9.29
N GLU C 72 -10.51 26.10 9.94
CA GLU C 72 -11.80 26.35 10.57
C GLU C 72 -12.94 26.32 9.57
N GLU C 73 -12.65 26.51 8.28
CA GLU C 73 -13.66 26.51 7.24
C GLU C 73 -13.80 25.17 6.54
N ILE C 74 -12.72 24.42 6.33
CA ILE C 74 -12.86 23.15 5.65
C ILE C 74 -13.47 22.11 6.58
N LEU C 75 -13.48 22.37 7.90
CA LEU C 75 -14.10 21.47 8.87
C LEU C 75 -15.20 22.13 9.68
N HIS C 76 -15.46 23.42 9.45
CA HIS C 76 -16.53 24.18 10.11
C HIS C 76 -16.53 23.96 11.63
N ILE C 77 -15.44 24.44 12.22
CA ILE C 77 -15.19 24.35 13.66
C ILE C 77 -14.63 25.69 14.12
N SER C 78 -14.72 25.94 15.43
CA SER C 78 -14.24 27.20 15.94
C SER C 78 -12.70 27.22 16.00
N LYS C 79 -12.16 28.43 16.08
CA LYS C 79 -10.71 28.61 16.15
C LYS C 79 -10.11 27.81 17.30
N SER C 80 -10.69 27.94 18.50
CA SER C 80 -10.16 27.20 19.64
C SER C 80 -10.25 25.69 19.42
N VAL C 81 -11.29 25.24 18.72
CA VAL C 81 -11.38 23.81 18.42
C VAL C 81 -10.33 23.43 17.36
N ALA C 82 -10.31 24.16 16.24
CA ALA C 82 -9.31 23.92 15.22
C ALA C 82 -7.89 23.97 15.80
N SER C 83 -7.68 24.81 16.83
CA SER C 83 -6.33 24.96 17.38
C SER C 83 -5.92 23.73 18.18
N ASN C 84 -6.86 23.13 18.90
CA ASN C 84 -6.56 21.87 19.57
C ASN C 84 -6.37 20.75 18.57
N LEU C 85 -7.19 20.73 17.51
CA LEU C 85 -7.02 19.78 16.43
C LEU C 85 -5.63 19.89 15.81
N VAL C 86 -5.24 21.10 15.36
CA VAL C 86 -3.94 21.20 14.68
C VAL C 86 -2.83 20.82 15.64
N LYS C 87 -2.96 21.22 16.91
CA LYS C 87 -1.96 20.87 17.91
C LYS C 87 -1.88 19.36 18.10
N ARG C 88 -3.03 18.68 18.10
CA ARG C 88 -3.02 17.24 18.25
C ARG C 88 -2.39 16.56 17.04
N MET C 89 -2.67 17.08 15.84
CA MET C 89 -2.09 16.53 14.62
C MET C 89 -0.58 16.74 14.60
N GLU C 90 -0.12 17.92 15.01
CA GLU C 90 1.30 18.21 14.99
C GLU C 90 2.05 17.31 15.97
N LYS C 91 1.54 17.21 17.20
CA LYS C 91 2.09 16.28 18.16
C LYS C 91 2.11 14.86 17.59
N ASN C 92 1.05 14.49 16.86
CA ASN C 92 0.99 13.18 16.23
C ASN C 92 2.01 13.03 15.11
N GLY C 93 2.50 14.15 14.55
CA GLY C 93 3.52 14.11 13.51
C GLY C 93 3.02 14.25 12.08
N PHE C 94 1.75 14.58 11.89
CA PHE C 94 1.22 14.71 10.53
C PHE C 94 1.63 16.03 9.89
N ILE C 95 1.82 17.08 10.69
CA ILE C 95 1.97 18.44 10.18
C ILE C 95 3.01 19.21 10.98
N ALA C 96 3.66 20.17 10.32
CA ALA C 96 4.35 21.24 11.02
C ALA C 96 3.43 22.45 11.11
N ILE C 97 3.58 23.22 12.17
CA ILE C 97 2.81 24.43 12.38
C ILE C 97 3.79 25.59 12.35
N VAL C 98 3.60 26.50 11.43
CA VAL C 98 4.56 27.56 11.19
C VAL C 98 3.83 28.89 11.35
N PRO C 99 4.19 29.71 12.33
CA PRO C 99 3.59 31.05 12.41
C PRO C 99 4.18 31.97 11.35
N SER C 100 3.39 32.95 10.95
CA SER C 100 3.87 33.97 10.00
C SER C 100 5.03 34.74 10.59
N LYS C 101 6.05 34.97 9.76
CA LYS C 101 7.02 35.99 10.08
C LYS C 101 6.47 37.39 9.87
N THR C 102 5.23 37.52 9.39
CA THR C 102 4.64 38.85 9.20
C THR C 102 3.44 39.12 10.10
N ASP C 103 2.60 38.12 10.40
CA ASP C 103 1.45 38.29 11.28
C ASP C 103 1.47 37.16 12.32
N LYS C 104 1.83 37.51 13.56
CA LYS C 104 2.04 36.50 14.60
C LYS C 104 0.76 35.72 14.91
N ARG C 105 -0.41 36.32 14.69
CA ARG C 105 -1.68 35.62 14.92
C ARG C 105 -1.87 34.45 13.97
N VAL C 106 -1.45 34.61 12.71
CA VAL C 106 -1.64 33.64 11.64
C VAL C 106 -0.64 32.50 11.79
N LYS C 107 -1.11 31.26 11.59
CA LYS C 107 -0.23 30.10 11.56
C LYS C 107 -0.52 29.24 10.34
N TYR C 108 0.53 28.83 9.63
CA TYR C 108 0.32 27.96 8.49
C TYR C 108 0.55 26.50 8.88
N LEU C 109 0.00 25.62 8.06
CA LEU C 109 0.02 24.19 8.30
C LEU C 109 0.61 23.51 7.08
N TYR C 110 1.54 22.59 7.30
CA TYR C 110 2.25 21.92 6.22
C TYR C 110 2.42 20.43 6.54
N LEU C 111 2.33 19.60 5.52
CA LEU C 111 2.41 18.16 5.71
C LEU C 111 3.85 17.74 5.96
N THR C 112 4.04 16.86 6.93
CA THR C 112 5.33 16.27 7.24
C THR C 112 5.54 15.03 6.38
N HIS C 113 6.58 14.27 6.69
CA HIS C 113 6.78 13.02 5.97
C HIS C 113 5.68 12.03 6.29
N LEU C 114 5.45 11.77 7.58
CA LEU C 114 4.38 10.87 8.00
C LEU C 114 3.03 11.35 7.51
N GLY C 115 2.82 12.67 7.51
CA GLY C 115 1.53 13.20 7.11
C GLY C 115 1.20 12.88 5.67
N LYS C 116 2.23 12.85 4.80
CA LYS C 116 2.02 12.53 3.39
C LYS C 116 1.69 11.06 3.21
N GLN C 117 2.47 10.17 3.82
CA GLN C 117 2.11 8.77 3.74
C GLN C 117 0.73 8.52 4.36
N LYS C 118 0.35 9.34 5.34
CA LYS C 118 -0.97 9.20 5.93
C LYS C 118 -2.04 9.59 4.93
N ALA C 119 -1.89 10.77 4.32
CA ALA C 119 -2.84 11.25 3.33
C ALA C 119 -3.05 10.24 2.21
N THR C 120 -1.94 9.78 1.62
CA THR C 120 -2.07 8.85 0.51
C THR C 120 -2.74 7.54 0.95
N GLN C 121 -2.55 7.14 2.22
CA GLN C 121 -3.23 5.94 2.70
C GLN C 121 -4.71 6.20 2.94
N PHE C 122 -5.06 7.43 3.29
CA PHE C 122 -6.45 7.75 3.56
C PHE C 122 -7.26 7.76 2.27
N GLU C 123 -6.65 8.22 1.16
CA GLU C 123 -7.30 8.12 -0.14
C GLU C 123 -7.72 6.68 -0.41
N ILE C 124 -6.75 5.77 -0.42
CA ILE C 124 -7.06 4.35 -0.62
C ILE C 124 -8.17 3.91 0.33
N PHE C 125 -8.12 4.40 1.56
CA PHE C 125 -9.11 4.02 2.56
C PHE C 125 -10.50 4.50 2.15
N LEU C 126 -10.60 5.75 1.71
CA LEU C 126 -11.87 6.29 1.24
C LEU C 126 -12.39 5.47 0.05
N GLU C 127 -11.53 5.20 -0.92
CA GLU C 127 -11.92 4.40 -2.08
C GLU C 127 -12.55 3.08 -1.65
N LYS C 128 -11.91 2.37 -0.71
CA LYS C 128 -12.49 1.11 -0.26
C LYS C 128 -13.86 1.31 0.37
N LEU C 129 -14.05 2.42 1.09
CA LEU C 129 -15.33 2.67 1.75
C LEU C 129 -16.44 2.87 0.73
N HIS C 130 -16.30 3.87 -0.15
CA HIS C 130 -17.30 4.07 -1.18
C HIS C 130 -17.44 2.85 -2.07
N SER C 131 -16.41 2.02 -2.14
CA SER C 131 -16.50 0.75 -2.84
C SER C 131 -17.37 -0.26 -2.10
N THR C 132 -17.61 -0.05 -0.80
CA THR C 132 -18.30 -1.05 0.02
C THR C 132 -19.35 -0.40 0.91
N MET C 133 -18.94 -0.09 2.15
CA MET C 133 -19.88 0.38 3.17
C MET C 133 -20.64 1.62 2.71
N LEU C 134 -19.97 2.53 2.02
CA LEU C 134 -20.64 3.71 1.48
C LEU C 134 -20.83 3.59 -0.03
N PRO D 20 -17.45 9.50 13.97
CA PRO D 20 -18.78 10.07 14.24
C PRO D 20 -19.81 9.02 14.63
N LEU D 21 -19.56 7.76 14.24
CA LEU D 21 -20.44 6.68 14.64
C LEU D 21 -20.44 6.46 16.14
N GLN D 22 -19.38 6.89 16.84
CA GLN D 22 -19.34 6.72 18.30
C GLN D 22 -20.36 7.62 19.00
N LYS D 23 -20.48 8.86 18.54
CA LYS D 23 -21.51 9.75 19.10
C LYS D 23 -22.91 9.21 18.81
N ALA D 24 -23.10 8.56 17.64
CA ALA D 24 -24.38 7.97 17.30
C ALA D 24 -24.67 6.70 18.11
N ARG D 25 -23.65 6.11 18.74
CA ARG D 25 -23.92 5.04 19.70
C ARG D 25 -24.54 5.60 20.98
N ILE D 26 -24.23 6.85 21.32
CA ILE D 26 -24.90 7.51 22.44
C ILE D 26 -26.34 7.86 22.08
N LEU D 27 -26.62 8.13 20.80
CA LEU D 27 -27.98 8.44 20.40
C LEU D 27 -28.88 7.21 20.48
N VAL D 28 -28.46 6.11 19.85
CA VAL D 28 -29.20 4.87 19.94
C VAL D 28 -29.24 4.34 21.37
N ASN D 29 -28.39 4.87 22.24
CA ASN D 29 -28.49 4.56 23.67
C ASN D 29 -29.50 5.47 24.35
N GLN D 30 -29.43 6.78 24.09
CA GLN D 30 -30.32 7.75 24.71
C GLN D 30 -31.74 7.73 24.13
N LEU D 31 -31.96 7.07 22.98
CA LEU D 31 -33.30 7.00 22.43
C LEU D 31 -34.02 5.72 22.83
N GLU D 32 -33.31 4.59 22.96
CA GLU D 32 -33.95 3.36 23.42
C GLU D 32 -34.23 3.38 24.91
N LYS D 33 -33.63 4.31 25.65
CA LYS D 33 -33.95 4.53 27.05
C LYS D 33 -35.07 5.56 27.21
N TYR D 34 -35.08 6.60 26.37
CA TYR D 34 -36.22 7.52 26.34
C TYR D 34 -37.43 6.88 25.68
N LEU D 35 -37.21 5.92 24.79
CA LEU D 35 -38.32 5.15 24.25
C LEU D 35 -39.07 4.44 25.35
N ASP D 36 -38.41 3.49 26.01
CA ASP D 36 -39.08 2.65 26.99
C ASP D 36 -39.61 3.45 28.18
N ARG D 37 -39.01 4.60 28.49
CA ARG D 37 -39.56 5.44 29.57
C ARG D 37 -40.76 6.25 29.08
N TYR D 38 -40.59 6.98 27.97
CA TYR D 38 -41.71 7.76 27.45
C TYR D 38 -42.82 6.90 26.87
N ALA D 39 -42.62 5.59 26.73
CA ALA D 39 -43.68 4.70 26.32
C ALA D 39 -44.37 4.01 27.49
N LYS D 40 -43.76 4.04 28.68
CA LYS D 40 -44.42 3.51 29.87
C LYS D 40 -45.42 4.50 30.47
N GLU D 41 -45.33 5.78 30.11
CA GLU D 41 -46.26 6.78 30.62
C GLU D 41 -47.50 6.94 29.74
N TYR D 42 -47.41 6.61 28.46
CA TYR D 42 -48.56 6.67 27.58
C TYR D 42 -49.28 5.34 27.43
N ASP D 43 -48.75 4.26 28.02
CA ASP D 43 -49.32 2.93 27.88
C ASP D 43 -49.37 2.52 26.40
N VAL D 44 -48.17 2.25 25.87
CA VAL D 44 -47.98 1.89 24.46
C VAL D 44 -46.96 0.75 24.36
N GLU D 45 -46.75 0.02 25.46
CA GLU D 45 -45.66 -0.95 25.59
C GLU D 45 -45.52 -1.87 24.39
N HIS D 46 -46.43 -2.82 24.23
CA HIS D 46 -46.33 -3.76 23.11
C HIS D 46 -46.52 -3.07 21.77
N LEU D 47 -47.05 -1.85 21.75
CA LEU D 47 -47.39 -1.10 20.54
C LEU D 47 -46.22 -0.28 20.00
N ALA D 48 -44.99 -0.67 20.32
CA ALA D 48 -43.80 0.09 19.92
C ALA D 48 -42.91 -0.84 19.09
N GLY D 49 -43.27 -1.01 17.82
CA GLY D 49 -42.56 -1.92 16.95
C GLY D 49 -43.31 -2.18 15.65
N PRO D 50 -43.17 -3.39 15.10
CA PRO D 50 -43.84 -3.70 13.83
C PRO D 50 -45.34 -3.81 13.97
N GLN D 51 -45.82 -4.12 15.17
CA GLN D 51 -47.24 -4.04 15.47
C GLN D 51 -47.74 -2.61 15.31
N GLY D 52 -47.09 -1.65 16.00
CA GLY D 52 -47.53 -0.28 15.91
C GLY D 52 -47.58 0.27 14.50
N HIS D 53 -46.64 -0.18 13.64
CA HIS D 53 -46.67 0.24 12.24
C HIS D 53 -48.00 -0.09 11.58
N LEU D 54 -48.62 -1.20 11.95
CA LEU D 54 -49.86 -1.64 11.32
C LEU D 54 -51.11 -1.10 12.01
N VAL D 55 -51.09 -0.95 13.32
CA VAL D 55 -52.24 -0.42 14.02
C VAL D 55 -52.51 1.01 13.57
N MET D 56 -51.46 1.84 13.52
CA MET D 56 -51.63 3.22 13.08
C MET D 56 -51.99 3.30 11.60
N HIS D 57 -51.38 2.45 10.77
CA HIS D 57 -51.78 2.34 9.37
C HIS D 57 -53.27 2.05 9.26
N LEU D 58 -53.75 1.10 10.07
CA LEU D 58 -55.15 0.71 10.05
C LEU D 58 -56.05 1.90 10.36
N TYR D 59 -55.80 2.59 11.46
CA TYR D 59 -56.60 3.77 11.77
C TYR D 59 -56.12 4.96 10.94
N ASP D 63 -61.58 2.76 5.83
CA ASP D 63 -61.86 2.96 4.41
C ASP D 63 -61.54 1.71 3.59
N LYS D 64 -60.25 1.43 3.42
CA LYS D 64 -59.78 0.30 2.61
C LYS D 64 -59.32 -0.84 3.52
N ASP D 65 -59.48 -2.07 3.01
CA ASP D 65 -59.14 -3.25 3.80
C ASP D 65 -57.65 -3.51 3.72
N MET D 66 -57.18 -4.52 4.46
CA MET D 66 -55.75 -4.82 4.51
C MET D 66 -55.55 -6.33 4.52
N SER D 67 -54.82 -6.82 3.52
CA SER D 67 -54.37 -8.20 3.47
C SER D 67 -53.16 -8.40 4.38
N ILE D 68 -52.87 -9.67 4.65
CA ILE D 68 -51.56 -10.01 5.18
C ILE D 68 -50.48 -9.72 4.15
N LYS D 69 -50.79 -9.98 2.86
CA LYS D 69 -49.85 -9.67 1.79
C LYS D 69 -49.84 -8.19 1.44
N ASP D 70 -50.95 -7.49 1.69
CA ASP D 70 -50.89 -6.03 1.62
C ASP D 70 -49.98 -5.49 2.72
N ALA D 71 -49.88 -6.20 3.85
CA ALA D 71 -49.07 -5.76 4.97
C ALA D 71 -47.60 -6.12 4.78
N GLU D 72 -47.33 -7.28 4.17
CA GLU D 72 -45.96 -7.59 3.75
C GLU D 72 -45.42 -6.47 2.88
N GLU D 73 -46.13 -6.16 1.80
CA GLU D 73 -45.74 -5.04 0.95
C GLU D 73 -45.71 -3.72 1.74
N ILE D 74 -46.53 -3.61 2.78
CA ILE D 74 -46.51 -2.39 3.59
C ILE D 74 -45.26 -2.35 4.46
N LEU D 75 -44.97 -3.43 5.19
CA LEU D 75 -43.92 -3.44 6.18
C LEU D 75 -42.58 -3.97 5.64
N HIS D 76 -42.57 -4.45 4.39
CA HIS D 76 -41.36 -4.92 3.72
C HIS D 76 -40.72 -6.08 4.48
N ILE D 77 -41.56 -6.98 5.03
CA ILE D 77 -41.08 -8.21 5.66
C ILE D 77 -41.60 -9.41 4.87
N SER D 78 -41.42 -10.62 5.42
CA SER D 78 -41.74 -11.84 4.69
C SER D 78 -43.24 -12.14 4.78
N LYS D 79 -43.62 -13.36 4.40
CA LYS D 79 -44.93 -13.91 4.69
C LYS D 79 -44.92 -14.80 5.92
N SER D 80 -43.81 -15.51 6.17
CA SER D 80 -43.64 -16.20 7.44
C SER D 80 -43.62 -15.20 8.59
N VAL D 81 -42.80 -14.16 8.47
CA VAL D 81 -42.67 -13.15 9.53
C VAL D 81 -44.00 -12.44 9.74
N ALA D 82 -44.57 -11.88 8.65
CA ALA D 82 -45.88 -11.24 8.75
C ALA D 82 -46.87 -12.15 9.45
N SER D 83 -46.88 -13.43 9.08
CA SER D 83 -47.79 -14.39 9.73
C SER D 83 -47.56 -14.41 11.23
N ASN D 84 -46.30 -14.49 11.66
CA ASN D 84 -46.02 -14.50 13.09
C ASN D 84 -46.28 -13.14 13.73
N LEU D 85 -45.94 -12.06 13.02
CA LEU D 85 -46.23 -10.72 13.52
C LEU D 85 -47.72 -10.53 13.75
N VAL D 86 -48.54 -10.94 12.77
CA VAL D 86 -49.97 -10.71 12.82
C VAL D 86 -50.65 -11.68 13.80
N LYS D 87 -50.06 -12.86 14.00
CA LYS D 87 -50.63 -13.81 14.96
C LYS D 87 -50.62 -13.24 16.38
N ARG D 88 -49.56 -12.51 16.73
CA ARG D 88 -49.42 -11.96 18.08
C ARG D 88 -50.34 -10.77 18.32
N MET D 89 -50.67 -10.01 17.27
CA MET D 89 -51.60 -8.91 17.43
C MET D 89 -53.02 -9.41 17.71
N GLU D 90 -53.42 -10.51 17.06
CA GLU D 90 -54.69 -11.14 17.40
C GLU D 90 -54.65 -11.75 18.80
N LYS D 91 -53.46 -12.14 19.27
CA LYS D 91 -53.32 -12.52 20.67
C LYS D 91 -53.28 -11.30 21.58
N ASN D 92 -52.68 -10.20 21.10
CA ASN D 92 -52.73 -8.94 21.81
C ASN D 92 -54.13 -8.35 21.87
N GLY D 93 -55.03 -8.78 20.98
CA GLY D 93 -56.34 -8.16 20.91
C GLY D 93 -56.35 -6.82 20.24
N PHE D 94 -55.31 -6.51 19.44
CA PHE D 94 -55.30 -5.29 18.64
C PHE D 94 -56.05 -5.49 17.32
N ILE D 95 -56.11 -6.73 16.83
CA ILE D 95 -56.48 -7.02 15.47
C ILE D 95 -57.38 -8.24 15.48
N ALA D 96 -58.11 -8.43 14.38
CA ALA D 96 -58.97 -9.59 14.16
C ALA D 96 -58.54 -10.30 12.89
N ILE D 97 -58.21 -11.58 13.00
CA ILE D 97 -57.78 -12.39 11.87
C ILE D 97 -59.02 -13.10 11.33
N VAL D 98 -59.65 -12.51 10.33
CA VAL D 98 -60.79 -13.11 9.64
C VAL D 98 -60.36 -13.38 8.21
N PRO D 99 -60.49 -14.61 7.71
CA PRO D 99 -60.25 -14.88 6.29
C PRO D 99 -61.44 -14.51 5.42
N SER D 100 -61.16 -14.44 4.11
CA SER D 100 -62.15 -13.97 3.14
C SER D 100 -63.21 -15.04 2.88
N LYS D 101 -64.46 -14.60 2.81
CA LYS D 101 -65.53 -15.47 2.35
C LYS D 101 -65.45 -15.70 0.84
N THR D 102 -64.89 -14.73 0.10
CA THR D 102 -64.82 -14.80 -1.36
C THR D 102 -63.67 -15.69 -1.82
N ASP D 103 -62.43 -15.29 -1.53
CA ASP D 103 -61.24 -16.05 -1.92
C ASP D 103 -60.63 -16.71 -0.69
N LYS D 104 -60.32 -18.01 -0.81
CA LYS D 104 -59.79 -18.76 0.32
C LYS D 104 -58.32 -18.44 0.59
N ARG D 105 -57.53 -18.19 -0.47
CA ARG D 105 -56.10 -17.91 -0.34
C ARG D 105 -55.78 -16.55 0.30
N VAL D 106 -56.75 -15.87 0.93
CA VAL D 106 -56.54 -14.53 1.48
C VAL D 106 -57.02 -14.48 2.92
N LYS D 107 -56.52 -13.50 3.67
CA LYS D 107 -56.85 -13.33 5.09
C LYS D 107 -56.80 -11.85 5.44
N TYR D 108 -57.94 -11.29 5.86
CA TYR D 108 -58.03 -9.88 6.19
C TYR D 108 -57.88 -9.63 7.69
N LEU D 109 -57.59 -8.38 8.05
CA LEU D 109 -57.35 -8.01 9.43
C LEU D 109 -58.08 -6.70 9.73
N TYR D 110 -58.67 -6.63 10.91
CA TYR D 110 -59.51 -5.51 11.33
C TYR D 110 -59.09 -5.07 12.73
N LEU D 111 -58.96 -3.74 12.94
CA LEU D 111 -58.70 -3.22 14.28
C LEU D 111 -59.86 -3.54 15.22
N THR D 112 -59.53 -4.07 16.40
CA THR D 112 -60.55 -4.31 17.40
C THR D 112 -60.91 -2.95 18.04
N HIS D 113 -61.72 -2.99 19.10
CA HIS D 113 -61.95 -1.76 19.86
C HIS D 113 -60.71 -1.40 20.66
N LEU D 114 -60.01 -2.42 21.18
CA LEU D 114 -58.70 -2.21 21.80
C LEU D 114 -57.74 -1.53 20.83
N GLY D 115 -57.63 -2.08 19.61
CA GLY D 115 -56.70 -1.52 18.63
C GLY D 115 -56.95 -0.07 18.30
N LYS D 116 -58.15 0.41 18.50
CA LYS D 116 -58.44 1.84 18.34
C LYS D 116 -58.37 2.52 19.69
N ARG D 143 -36.12 12.15 4.22
CA ARG D 143 -36.52 11.41 3.02
C ARG D 143 -35.33 10.63 2.48
N THR D 144 -34.24 11.35 2.21
CA THR D 144 -33.00 10.68 1.83
C THR D 144 -32.29 10.05 3.02
N THR D 145 -32.51 10.58 4.23
CA THR D 145 -31.88 9.99 5.41
C THR D 145 -32.42 8.60 5.69
N LYS D 146 -33.73 8.40 5.50
CA LYS D 146 -34.29 7.05 5.64
C LYS D 146 -33.56 6.07 4.73
N LYS D 147 -33.27 6.47 3.50
CA LYS D 147 -32.59 5.60 2.55
C LYS D 147 -31.09 5.51 2.81
N VAL D 148 -30.51 6.45 3.56
CA VAL D 148 -29.09 6.35 3.89
C VAL D 148 -28.87 5.25 4.92
N ILE D 149 -29.61 5.32 6.04
CA ILE D 149 -29.61 4.23 7.01
C ILE D 149 -29.94 2.91 6.32
N ARG D 150 -30.84 2.96 5.34
CA ARG D 150 -31.28 1.76 4.65
C ARG D 150 -30.15 1.14 3.82
N THR D 151 -29.61 1.90 2.86
CA THR D 151 -28.56 1.33 2.02
C THR D 151 -27.28 1.06 2.81
N LEU D 152 -27.04 1.81 3.88
CA LEU D 152 -26.02 1.39 4.85
C LEU D 152 -26.34 -0.01 5.35
N ALA D 153 -27.58 -0.23 5.78
CA ALA D 153 -28.02 -1.57 6.18
C ALA D 153 -27.91 -2.53 5.01
N LYS D 154 -28.26 -2.07 3.80
CA LYS D 154 -28.09 -2.90 2.61
C LYS D 154 -26.63 -3.26 2.38
N ASN D 155 -25.75 -2.26 2.39
CA ASN D 155 -24.35 -2.52 2.07
C ASN D 155 -23.67 -3.40 3.11
N MET D 156 -24.14 -3.39 4.36
CA MET D 156 -23.54 -4.22 5.39
C MET D 156 -24.14 -5.62 5.45
N ALA D 157 -25.47 -5.72 5.32
CA ALA D 157 -26.17 -6.99 5.31
C ALA D 157 -26.24 -7.56 3.89
#